data_3SBG
#
_entry.id   3SBG
#
_cell.length_a   145.786
_cell.length_b   73.598
_cell.length_c   72.882
_cell.angle_alpha   90.00
_cell.angle_beta   90.14
_cell.angle_gamma   90.00
#
_symmetry.space_group_name_H-M   'C 1 2 1'
#
_entity_poly.entity_id   1
_entity_poly.type   'polypeptide(L)'
_entity_poly.pdbx_seq_one_letter_code
;GAMNSSNYAELFNNDIKLFVDDTNVYRVTVHKTFEGNVATKAINGCIFTLNPKTGHLFLKIIHTSVWAGQKRLSQLAKWK
TAEEVSALVRSLPKEEQPKQIIVTRKAMLDPLEVHMLDFPNIAIRPTELRLPFSAAMSIDKLSDVVMKATEPQMVLFNIY
DDWLDRISSYTAFSRLTLLLRALKTNEESAKMILLSDPTITIKSYHLWPSFTDEQWITIESQMRDLILTEYGRKYNVNIS
ALTQTEIKDIILGQNIKAPSVKRQKMAELEAARSEKQNDEEAAGASTVMKTKTINAQGEEIVVVASADYESQTFSSKNEW
RKSAIANTLLYLRLKNIYVSADDFVEEQNVYVLPKNLLKKFIEISDVKIQVAAFIYGMSAKDHPKVKEIKTVVLVPQLGH
VGSVQISNIPDIGDLPDTEGLELLGWIHTQTEELKFMAASEVATHSKLFADKKRDCIDISIFSTPGSVSLSAYNLTDEGY
QWGEENKDIMNVLSEGFEPTFSTHAQLLLSDRITGNFIIPSGNVWNYTFMGTAFNQEGDYNFKYGIPLEFYNEMHRPVHF
LQFSE
;
_entity_poly.pdbx_strand_id   A
#
# COMPACT_ATOMS: atom_id res chain seq x y z
N GLY A 1 -14.08 -18.53 12.98
CA GLY A 1 -14.10 -17.70 11.79
C GLY A 1 -12.78 -17.73 11.03
N ALA A 2 -12.74 -18.56 9.98
CA ALA A 2 -11.54 -18.70 9.17
C ALA A 2 -11.23 -17.42 8.42
N MET A 3 -10.10 -17.40 7.70
CA MET A 3 -9.71 -16.23 6.94
C MET A 3 -9.73 -16.46 5.43
N ASN A 4 -10.44 -15.59 4.72
CA ASN A 4 -10.45 -15.60 3.26
C ASN A 4 -10.46 -14.17 2.73
N SER A 5 -10.58 -14.03 1.42
CA SER A 5 -10.53 -12.71 0.78
C SER A 5 -11.67 -11.80 1.22
N SER A 6 -12.54 -12.31 2.08
CA SER A 6 -13.63 -11.52 2.63
C SER A 6 -13.14 -10.65 3.78
N ASN A 7 -12.53 -11.29 4.78
CA ASN A 7 -11.96 -10.58 5.91
C ASN A 7 -10.49 -10.23 5.69
N TYR A 8 -10.07 -10.29 4.43
CA TYR A 8 -8.70 -9.96 4.05
C TYR A 8 -8.33 -8.55 4.48
N ALA A 9 -9.33 -7.69 4.62
CA ALA A 9 -9.11 -6.29 4.99
C ALA A 9 -8.55 -6.16 6.40
N GLU A 10 -9.09 -6.94 7.32
CA GLU A 10 -8.73 -6.85 8.74
C GLU A 10 -7.25 -7.12 9.01
N LEU A 11 -6.59 -7.81 8.08
CA LEU A 11 -5.19 -8.18 8.26
C LEU A 11 -4.29 -6.98 8.58
N PHE A 12 -4.76 -5.78 8.22
CA PHE A 12 -3.90 -4.60 8.28
C PHE A 12 -4.37 -3.55 9.28
N ASN A 13 -5.33 -3.91 10.13
CA ASN A 13 -5.76 -3.00 11.19
C ASN A 13 -4.75 -3.01 12.34
N ASN A 14 -5.01 -2.19 13.35
CA ASN A 14 -4.09 -2.07 14.47
C ASN A 14 -4.23 -3.17 15.52
N ASP A 15 -4.23 -4.41 15.05
CA ASP A 15 -4.16 -5.57 15.93
C ASP A 15 -3.08 -6.50 15.41
N ILE A 16 -1.99 -6.61 16.17
CA ILE A 16 -0.84 -7.40 15.76
C ILE A 16 -1.24 -8.82 15.37
N LYS A 17 -0.81 -9.24 14.19
CA LYS A 17 -1.08 -10.58 13.70
C LYS A 17 0.17 -11.18 13.07
N LEU A 18 0.30 -12.50 13.17
CA LEU A 18 1.43 -13.20 12.57
C LEU A 18 0.99 -14.34 11.66
N PHE A 19 1.58 -14.40 10.47
CA PHE A 19 1.38 -15.55 9.59
C PHE A 19 2.46 -16.58 9.87
N VAL A 20 2.09 -17.85 9.78
CA VAL A 20 3.05 -18.94 9.99
C VAL A 20 2.96 -19.96 8.86
N ASP A 21 4.08 -20.18 8.19
CA ASP A 21 4.13 -21.18 7.12
C ASP A 21 5.22 -22.21 7.42
N ASP A 22 4.86 -23.49 7.31
CA ASP A 22 5.77 -24.56 7.69
C ASP A 22 6.15 -25.47 6.53
N THR A 23 5.81 -25.06 5.31
CA THR A 23 6.16 -25.85 4.13
C THR A 23 7.68 -26.02 4.03
N ASN A 24 8.40 -25.02 4.51
CA ASN A 24 9.86 -25.00 4.38
C ASN A 24 10.62 -25.42 5.64
N VAL A 25 9.98 -26.24 6.46
CA VAL A 25 10.61 -26.71 7.69
C VAL A 25 11.43 -27.96 7.47
N TYR A 26 10.79 -29.00 6.92
CA TYR A 26 11.45 -30.27 6.67
C TYR A 26 11.77 -30.41 5.19
N ARG A 27 13.05 -30.32 4.85
CA ARG A 27 13.47 -30.40 3.45
C ARG A 27 14.62 -31.39 3.26
N VAL A 28 14.71 -31.98 2.08
CA VAL A 28 15.75 -32.96 1.78
C VAL A 28 16.27 -32.82 0.36
N THR A 29 17.38 -33.50 0.08
CA THR A 29 17.95 -33.52 -1.26
C THR A 29 18.40 -34.92 -1.63
N VAL A 30 18.25 -35.25 -2.91
CA VAL A 30 18.69 -36.54 -3.42
C VAL A 30 20.20 -36.49 -3.65
N HIS A 31 20.95 -36.84 -2.62
CA HIS A 31 22.40 -36.67 -2.64
C HIS A 31 23.16 -38.00 -2.65
N LYS A 32 24.23 -38.05 -3.43
CA LYS A 32 25.05 -39.25 -3.56
C LYS A 32 26.14 -39.30 -2.49
N THR A 33 26.01 -40.22 -1.55
CA THR A 33 27.00 -40.39 -0.50
C THR A 33 28.28 -40.98 -1.08
N PHE A 34 29.39 -40.80 -0.35
CA PHE A 34 30.73 -41.21 -0.80
C PHE A 34 30.77 -42.29 -1.88
N GLU A 35 30.21 -43.45 -1.59
CA GLU A 35 30.31 -44.61 -2.48
C GLU A 35 29.67 -44.36 -3.85
N GLY A 36 28.81 -43.35 -3.93
CA GLY A 36 28.08 -43.06 -5.15
C GLY A 36 26.63 -43.46 -5.00
N ASN A 37 26.32 -44.16 -3.90
CA ASN A 37 24.96 -44.57 -3.61
C ASN A 37 24.04 -43.37 -3.47
N VAL A 38 22.82 -43.49 -3.98
CA VAL A 38 21.87 -42.38 -3.95
C VAL A 38 20.86 -42.52 -2.81
N ALA A 39 20.67 -41.43 -2.07
CA ALA A 39 19.74 -41.42 -0.95
C ALA A 39 19.46 -39.98 -0.53
N THR A 40 18.30 -39.75 0.08
CA THR A 40 17.88 -38.41 0.44
C THR A 40 18.40 -37.95 1.81
N LYS A 41 19.31 -36.99 1.79
CA LYS A 41 19.82 -36.37 3.00
C LYS A 41 19.00 -35.13 3.33
N ALA A 42 18.82 -34.87 4.63
CA ALA A 42 18.05 -33.71 5.07
C ALA A 42 18.89 -32.44 5.00
N ILE A 43 18.29 -31.36 4.51
CA ILE A 43 18.96 -30.07 4.45
C ILE A 43 18.21 -29.03 5.26
N ASN A 44 18.89 -27.94 5.60
CA ASN A 44 18.33 -26.91 6.48
C ASN A 44 16.97 -26.40 6.03
N GLY A 45 16.12 -26.07 7.00
CA GLY A 45 14.81 -25.50 6.73
C GLY A 45 14.63 -24.19 7.47
N CYS A 46 13.37 -23.76 7.59
CA CYS A 46 13.08 -22.50 8.27
C CYS A 46 11.58 -22.30 8.49
N ILE A 47 11.25 -21.45 9.47
CA ILE A 47 9.86 -21.13 9.78
C ILE A 47 9.53 -19.75 9.22
N PHE A 48 8.57 -19.70 8.30
CA PHE A 48 8.15 -18.44 7.70
C PHE A 48 7.12 -17.75 8.59
N THR A 49 7.60 -16.92 9.52
CA THR A 49 6.73 -16.19 10.42
C THR A 49 6.69 -14.72 10.02
N LEU A 50 5.51 -14.27 9.57
CA LEU A 50 5.41 -12.94 8.98
C LEU A 50 4.30 -12.07 9.56
N ASN A 51 4.69 -10.92 10.11
CA ASN A 51 3.73 -9.87 10.46
C ASN A 51 3.39 -9.07 9.21
N PRO A 52 2.17 -9.25 8.70
CA PRO A 52 1.77 -8.66 7.41
C PRO A 52 1.63 -7.13 7.45
N LYS A 53 1.56 -6.56 8.64
CA LYS A 53 1.40 -5.11 8.76
C LYS A 53 2.73 -4.37 8.62
N THR A 54 3.73 -4.80 9.39
CA THR A 54 5.03 -4.14 9.40
C THR A 54 6.00 -4.80 8.43
N GLY A 55 5.64 -5.99 7.95
CA GLY A 55 6.47 -6.71 7.01
C GLY A 55 7.62 -7.46 7.67
N HIS A 56 7.64 -7.45 9.00
CA HIS A 56 8.67 -8.14 9.75
C HIS A 56 8.60 -9.66 9.59
N LEU A 57 9.65 -10.25 9.03
CA LEU A 57 9.72 -11.70 8.86
C LEU A 57 10.64 -12.32 9.90
N PHE A 58 10.05 -13.14 10.78
CA PHE A 58 10.83 -13.86 11.77
C PHE A 58 11.19 -15.25 11.26
N LEU A 59 12.17 -15.31 10.36
CA LEU A 59 12.60 -16.58 9.78
C LEU A 59 13.50 -17.35 10.74
N LYS A 60 12.94 -18.38 11.37
CA LYS A 60 13.71 -19.24 12.26
C LYS A 60 14.35 -20.35 11.45
N ILE A 61 15.68 -20.34 11.35
CA ILE A 61 16.40 -21.35 10.60
C ILE A 61 16.50 -22.66 11.37
N ILE A 62 15.95 -23.72 10.79
CA ILE A 62 15.97 -25.03 11.41
C ILE A 62 17.15 -25.86 10.90
N HIS A 63 18.23 -25.90 11.67
CA HIS A 63 19.40 -26.67 11.31
C HIS A 63 19.07 -28.15 11.27
N THR A 64 19.86 -28.92 10.51
CA THR A 64 19.62 -30.35 10.39
C THR A 64 20.07 -31.13 11.62
N SER A 65 20.72 -30.44 12.55
CA SER A 65 21.19 -31.09 13.77
C SER A 65 20.02 -31.50 14.65
N VAL A 66 18.88 -30.85 14.45
CA VAL A 66 17.70 -31.13 15.25
C VAL A 66 17.00 -32.42 14.83
N TRP A 67 17.22 -32.83 13.58
CA TRP A 67 16.64 -34.07 13.08
C TRP A 67 17.51 -35.26 13.46
N ALA A 68 18.37 -35.06 14.46
CA ALA A 68 19.33 -36.09 14.87
C ALA A 68 18.66 -37.39 15.29
N GLY A 69 18.60 -38.35 14.36
CA GLY A 69 18.09 -39.67 14.63
C GLY A 69 16.65 -39.74 15.08
N GLN A 70 15.90 -38.67 14.82
CA GLN A 70 14.48 -38.62 15.17
C GLN A 70 13.66 -39.53 14.27
N LYS A 71 12.54 -40.02 14.79
CA LYS A 71 11.63 -40.84 14.01
C LYS A 71 10.51 -39.99 13.42
N ARG A 72 10.00 -40.42 12.27
CA ARG A 72 8.88 -39.76 11.62
C ARG A 72 9.03 -38.26 11.69
N LEU A 73 9.93 -37.73 10.86
CA LEU A 73 10.31 -36.33 10.93
C LEU A 73 9.22 -35.37 10.46
N SER A 74 8.47 -35.77 9.45
CA SER A 74 7.42 -34.91 8.91
C SER A 74 6.33 -34.61 9.94
N GLN A 75 6.05 -35.59 10.79
CA GLN A 75 5.07 -35.41 11.85
C GLN A 75 5.64 -34.49 12.93
N LEU A 76 6.93 -34.67 13.21
CA LEU A 76 7.61 -33.88 14.22
C LEU A 76 7.79 -32.44 13.77
N ALA A 77 8.00 -32.25 12.48
CA ALA A 77 8.23 -30.92 11.93
C ALA A 77 7.13 -29.94 12.32
N LYS A 78 5.91 -30.45 12.45
CA LYS A 78 4.77 -29.62 12.80
C LYS A 78 4.79 -29.25 14.28
N TRP A 79 5.35 -30.12 15.10
CA TRP A 79 5.44 -29.87 16.53
C TRP A 79 6.66 -29.02 16.87
N LYS A 80 7.71 -29.15 16.07
CA LYS A 80 8.91 -28.35 16.27
C LYS A 80 8.66 -26.93 15.79
N THR A 81 7.74 -26.78 14.84
CA THR A 81 7.31 -25.47 14.40
C THR A 81 6.51 -24.80 15.52
N ALA A 82 5.51 -25.51 16.01
CA ALA A 82 4.69 -25.02 17.11
C ALA A 82 5.55 -24.63 18.29
N GLU A 83 6.54 -25.46 18.58
CA GLU A 83 7.46 -25.22 19.69
C GLU A 83 8.20 -23.90 19.50
N GLU A 84 8.76 -23.70 18.32
CA GLU A 84 9.56 -22.51 18.03
C GLU A 84 8.70 -21.25 17.89
N VAL A 85 7.53 -21.39 17.27
CA VAL A 85 6.62 -20.26 17.13
C VAL A 85 6.17 -19.78 18.50
N SER A 86 5.83 -20.74 19.36
CA SER A 86 5.48 -20.43 20.73
C SER A 86 6.65 -19.74 21.41
N ALA A 87 7.83 -20.35 21.30
CA ALA A 87 9.03 -19.80 21.90
C ALA A 87 9.23 -18.35 21.50
N LEU A 88 8.90 -18.03 20.24
CA LEU A 88 9.04 -16.68 19.73
C LEU A 88 8.11 -15.70 20.43
N VAL A 89 6.81 -15.96 20.33
CA VAL A 89 5.79 -15.10 20.93
C VAL A 89 6.13 -14.76 22.38
N ARG A 90 6.64 -15.75 23.11
CA ARG A 90 6.90 -15.59 24.53
C ARG A 90 8.09 -14.66 24.81
N SER A 91 8.91 -14.44 23.79
CA SER A 91 10.09 -13.59 23.95
C SER A 91 9.80 -12.12 23.62
N LEU A 92 8.65 -11.87 22.99
CA LEU A 92 8.23 -10.51 22.67
C LEU A 92 7.51 -9.88 23.85
N PRO A 93 7.78 -8.60 24.11
CA PRO A 93 7.07 -7.88 25.17
C PRO A 93 5.57 -8.01 24.98
N LYS A 94 4.82 -7.99 26.07
CA LYS A 94 3.37 -8.18 26.03
C LYS A 94 2.67 -7.24 25.06
N GLU A 95 3.32 -6.14 24.73
CA GLU A 95 2.76 -5.17 23.79
C GLU A 95 2.96 -5.60 22.34
N GLU A 96 4.03 -6.35 22.10
CA GLU A 96 4.38 -6.79 20.75
C GLU A 96 3.74 -8.13 20.40
N GLN A 97 3.23 -8.82 21.41
CA GLN A 97 2.60 -10.13 21.20
C GLN A 97 1.28 -10.00 20.45
N PRO A 98 1.10 -10.85 19.43
CA PRO A 98 -0.02 -10.75 18.48
C PRO A 98 -1.37 -11.15 19.05
N LYS A 99 -2.43 -10.68 18.42
CA LYS A 99 -3.80 -11.04 18.76
C LYS A 99 -4.14 -12.39 18.12
N GLN A 100 -3.73 -12.56 16.88
CA GLN A 100 -4.01 -13.77 16.13
C GLN A 100 -2.76 -14.31 15.47
N ILE A 101 -2.65 -15.63 15.41
CA ILE A 101 -1.57 -16.28 14.67
C ILE A 101 -2.16 -17.17 13.58
N ILE A 102 -2.08 -16.68 12.34
CA ILE A 102 -2.71 -17.36 11.21
C ILE A 102 -1.76 -18.35 10.57
N VAL A 103 -2.13 -19.62 10.60
CA VAL A 103 -1.33 -20.69 10.01
C VAL A 103 -1.76 -20.99 8.57
N THR A 104 -0.77 -21.21 7.71
CA THR A 104 -1.05 -21.42 6.29
C THR A 104 -1.59 -22.81 5.97
N ARG A 105 -1.29 -23.77 6.84
CA ARG A 105 -1.73 -25.15 6.63
C ARG A 105 -2.52 -25.70 7.80
N LYS A 106 -3.64 -26.36 7.49
CA LYS A 106 -4.53 -26.93 8.48
C LYS A 106 -3.80 -27.79 9.51
N ALA A 107 -2.83 -28.57 9.05
CA ALA A 107 -2.14 -29.53 9.90
C ALA A 107 -1.32 -28.86 11.00
N MET A 108 -1.19 -27.54 10.94
CA MET A 108 -0.41 -26.81 11.94
C MET A 108 -1.25 -26.17 13.04
N LEU A 109 -2.57 -26.30 12.92
CA LEU A 109 -3.49 -25.72 13.89
C LEU A 109 -3.32 -26.31 15.29
N ASP A 110 -3.61 -27.59 15.44
CA ASP A 110 -3.56 -28.25 16.74
C ASP A 110 -2.24 -28.06 17.46
N PRO A 111 -1.12 -28.48 16.83
CA PRO A 111 0.18 -28.39 17.47
C PRO A 111 0.40 -27.03 18.10
N LEU A 112 0.13 -25.97 17.34
CA LEU A 112 0.32 -24.60 17.81
C LEU A 112 -0.62 -24.29 18.98
N GLU A 113 -1.87 -24.69 18.86
CA GLU A 113 -2.86 -24.47 19.91
C GLU A 113 -2.39 -25.05 21.24
N VAL A 114 -1.95 -26.30 21.20
CA VAL A 114 -1.48 -26.98 22.40
C VAL A 114 -0.36 -26.20 23.09
N HIS A 115 0.54 -25.65 22.28
CA HIS A 115 1.66 -24.89 22.82
C HIS A 115 1.26 -23.46 23.16
N MET A 116 0.05 -23.07 22.77
CA MET A 116 -0.44 -21.72 23.03
C MET A 116 -1.73 -21.75 23.84
N LEU A 117 -1.81 -22.68 24.79
CA LEU A 117 -3.00 -22.81 25.62
C LEU A 117 -3.06 -21.74 26.70
N ASP A 118 -1.90 -21.45 27.30
CA ASP A 118 -1.80 -20.40 28.31
C ASP A 118 -1.84 -19.02 27.67
N PHE A 119 -2.26 -18.99 26.40
CA PHE A 119 -2.45 -17.75 25.66
C PHE A 119 -3.80 -17.78 24.95
N PRO A 120 -4.90 -17.78 25.72
CA PRO A 120 -6.25 -17.90 25.19
C PRO A 120 -6.69 -16.66 24.42
N ASN A 121 -6.28 -15.49 24.90
CA ASN A 121 -6.63 -14.23 24.22
C ASN A 121 -5.79 -14.01 22.97
N ILE A 122 -4.89 -14.95 22.70
CA ILE A 122 -4.17 -14.98 21.43
C ILE A 122 -4.72 -16.12 20.57
N ALA A 123 -5.57 -15.76 19.62
CA ALA A 123 -6.25 -16.75 18.80
C ALA A 123 -5.31 -17.44 17.82
N ILE A 124 -5.63 -18.68 17.48
CA ILE A 124 -4.89 -19.45 16.49
C ILE A 124 -5.78 -19.72 15.28
N ARG A 125 -5.56 -18.98 14.21
CA ARG A 125 -6.46 -18.98 13.07
C ARG A 125 -5.98 -19.85 11.91
N PRO A 126 -6.92 -20.48 11.21
CA PRO A 126 -6.67 -21.17 9.94
C PRO A 126 -6.93 -20.21 8.78
N THR A 127 -6.65 -20.64 7.56
CA THR A 127 -6.87 -19.81 6.38
C THR A 127 -7.47 -20.62 5.25
N GLU A 128 -8.48 -20.05 4.59
CA GLU A 128 -9.05 -20.68 3.40
C GLU A 128 -8.33 -20.20 2.15
N LEU A 129 -7.25 -19.46 2.37
CA LEU A 129 -6.36 -19.07 1.30
C LEU A 129 -5.20 -20.05 1.30
N ARG A 130 -4.80 -20.48 0.11
CA ARG A 130 -3.59 -21.28 -0.03
C ARG A 130 -2.45 -20.38 -0.49
N LEU A 131 -2.03 -19.50 0.41
CA LEU A 131 -1.01 -18.50 0.11
C LEU A 131 0.27 -19.09 -0.48
N PRO A 132 1.01 -18.27 -1.24
CA PRO A 132 2.24 -18.68 -1.94
C PRO A 132 3.48 -18.56 -1.06
N PHE A 133 3.30 -18.62 0.26
CA PHE A 133 4.42 -18.52 1.17
C PHE A 133 5.35 -19.73 1.08
N SER A 134 4.89 -20.76 0.38
CA SER A 134 5.70 -21.95 0.17
C SER A 134 6.90 -21.60 -0.70
N ALA A 135 6.74 -20.58 -1.52
CA ALA A 135 7.80 -20.16 -2.45
C ALA A 135 8.65 -19.05 -1.85
N ALA A 136 8.81 -19.07 -0.53
CA ALA A 136 9.67 -18.09 0.15
C ALA A 136 11.14 -18.43 -0.07
N MET A 137 11.38 -19.66 -0.52
CA MET A 137 12.75 -20.13 -0.77
C MET A 137 13.28 -19.64 -2.11
N SER A 138 12.40 -19.11 -2.95
CA SER A 138 12.80 -18.57 -4.24
C SER A 138 13.74 -17.39 -4.03
N ILE A 139 13.41 -16.56 -3.04
CA ILE A 139 14.25 -15.41 -2.67
C ILE A 139 15.66 -15.89 -2.32
N ASP A 140 16.60 -15.60 -3.21
CA ASP A 140 17.97 -16.08 -3.07
C ASP A 140 18.59 -15.66 -1.73
N LYS A 141 18.30 -14.43 -1.32
CA LYS A 141 18.86 -13.91 -0.07
C LYS A 141 18.45 -14.74 1.14
N LEU A 142 17.20 -15.21 1.13
CA LEU A 142 16.70 -16.08 2.19
C LEU A 142 17.27 -17.48 2.00
N SER A 143 17.06 -18.03 0.81
CA SER A 143 17.53 -19.37 0.49
C SER A 143 18.99 -19.53 0.88
N ASP A 144 19.75 -18.45 0.78
CA ASP A 144 21.18 -18.47 1.12
C ASP A 144 21.41 -18.67 2.61
N VAL A 145 20.90 -17.74 3.41
CA VAL A 145 21.12 -17.76 4.85
C VAL A 145 20.71 -19.10 5.47
N VAL A 146 19.72 -19.75 4.86
CA VAL A 146 19.26 -21.04 5.36
C VAL A 146 20.29 -22.13 5.08
N MET A 147 20.85 -22.11 3.88
CA MET A 147 21.90 -23.06 3.51
C MET A 147 23.21 -22.69 4.23
N LYS A 148 23.54 -21.41 4.21
CA LYS A 148 24.72 -20.91 4.90
C LYS A 148 24.72 -21.33 6.37
N ALA A 149 23.52 -21.35 6.95
CA ALA A 149 23.35 -21.66 8.37
C ALA A 149 24.16 -22.87 8.80
N THR A 150 24.93 -22.70 9.87
CA THR A 150 25.78 -23.76 10.39
C THR A 150 25.22 -24.32 11.69
N GLU A 151 24.33 -23.57 12.32
CA GLU A 151 23.72 -23.99 13.57
C GLU A 151 22.38 -23.28 13.75
N PRO A 152 21.47 -23.88 14.54
CA PRO A 152 20.16 -23.27 14.78
C PRO A 152 20.28 -21.79 15.12
N GLN A 153 19.47 -20.96 14.47
CA GLN A 153 19.61 -19.52 14.59
C GLN A 153 18.36 -18.78 14.11
N MET A 154 18.01 -17.71 14.82
CA MET A 154 16.86 -16.89 14.46
C MET A 154 17.31 -15.68 13.65
N VAL A 155 16.85 -15.59 12.41
CA VAL A 155 17.24 -14.50 11.51
C VAL A 155 16.08 -13.57 11.21
N LEU A 156 16.31 -12.28 11.36
CA LEU A 156 15.29 -11.26 11.13
C LEU A 156 15.36 -10.67 9.74
N PHE A 157 14.21 -10.34 9.18
CA PHE A 157 14.12 -9.79 7.84
C PHE A 157 12.94 -8.83 7.70
N ASN A 158 13.07 -7.85 6.81
CA ASN A 158 11.93 -7.04 6.40
C ASN A 158 11.61 -7.35 4.94
N ILE A 159 10.44 -7.93 4.71
CA ILE A 159 10.10 -8.49 3.41
C ILE A 159 9.52 -7.46 2.44
N TYR A 160 9.14 -6.31 2.96
CA TYR A 160 8.65 -5.21 2.12
C TYR A 160 9.79 -4.28 1.76
N ASP A 161 11.01 -4.67 2.10
CA ASP A 161 12.18 -3.81 1.92
C ASP A 161 11.94 -2.44 2.53
N ASP A 162 11.85 -1.42 1.67
CA ASP A 162 11.60 -0.07 2.12
C ASP A 162 10.29 0.46 1.54
N TRP A 163 9.50 -0.44 0.97
CA TRP A 163 8.22 -0.07 0.35
C TRP A 163 7.37 0.80 1.26
N LEU A 164 7.29 0.44 2.53
CA LEU A 164 6.39 1.08 3.48
C LEU A 164 6.65 2.58 3.64
N ASP A 165 7.74 3.08 3.05
CA ASP A 165 7.99 4.51 3.01
C ASP A 165 7.08 5.17 2.00
N ARG A 166 6.68 4.40 0.99
CA ARG A 166 5.85 4.91 -0.10
C ARG A 166 4.41 4.39 -0.01
N ILE A 167 4.23 3.08 -0.07
CA ILE A 167 2.90 2.49 -0.09
C ILE A 167 2.42 2.00 1.28
N SER A 168 1.16 1.58 1.34
CA SER A 168 0.55 1.11 2.58
C SER A 168 0.96 -0.32 2.88
N SER A 169 0.51 -0.82 4.04
CA SER A 169 0.76 -2.20 4.41
C SER A 169 -0.10 -3.08 3.51
N TYR A 170 -1.38 -2.74 3.44
CA TYR A 170 -2.34 -3.42 2.58
C TYR A 170 -1.73 -3.67 1.20
N THR A 171 -1.34 -2.59 0.54
CA THR A 171 -0.78 -2.66 -0.80
C THR A 171 0.56 -3.40 -0.83
N ALA A 172 1.31 -3.28 0.26
CA ALA A 172 2.62 -3.94 0.36
C ALA A 172 2.44 -5.45 0.37
N PHE A 173 1.52 -5.93 1.21
CA PHE A 173 1.26 -7.36 1.31
C PHE A 173 0.76 -7.92 -0.03
N SER A 174 -0.06 -7.13 -0.73
CA SER A 174 -0.53 -7.51 -2.04
C SER A 174 0.67 -7.79 -2.96
N ARG A 175 1.50 -6.76 -3.15
CA ARG A 175 2.68 -6.88 -3.97
C ARG A 175 3.48 -8.13 -3.60
N LEU A 176 3.62 -8.36 -2.30
CA LEU A 176 4.35 -9.53 -1.80
C LEU A 176 3.74 -10.82 -2.30
N THR A 177 2.48 -11.07 -1.95
CA THR A 177 1.79 -12.29 -2.34
C THR A 177 1.76 -12.49 -3.85
N LEU A 178 1.72 -11.38 -4.59
CA LEU A 178 1.74 -11.45 -6.05
C LEU A 178 3.10 -11.95 -6.53
N LEU A 179 4.16 -11.39 -5.97
CA LEU A 179 5.52 -11.82 -6.27
C LEU A 179 5.71 -13.29 -5.95
N LEU A 180 5.39 -13.68 -4.72
CA LEU A 180 5.56 -15.05 -4.27
C LEU A 180 4.71 -16.04 -5.08
N ARG A 181 3.50 -15.62 -5.44
CA ARG A 181 2.63 -16.49 -6.23
C ARG A 181 3.19 -16.65 -7.64
N ALA A 182 3.79 -15.59 -8.17
CA ALA A 182 4.42 -15.66 -9.48
C ALA A 182 5.59 -16.63 -9.46
N LEU A 183 6.45 -16.52 -8.45
CA LEU A 183 7.58 -17.42 -8.29
C LEU A 183 7.10 -18.85 -8.12
N LYS A 184 6.01 -19.02 -7.40
CA LYS A 184 5.43 -20.34 -7.17
C LYS A 184 4.92 -20.97 -8.47
N THR A 185 4.41 -20.11 -9.35
CA THR A 185 3.94 -20.57 -10.65
C THR A 185 5.11 -20.93 -11.56
N ASN A 186 5.80 -19.91 -12.06
CA ASN A 186 6.97 -20.11 -12.90
C ASN A 186 8.16 -19.29 -12.39
N GLU A 187 9.01 -19.93 -11.60
CA GLU A 187 10.12 -19.27 -10.93
C GLU A 187 11.09 -18.59 -11.89
N GLU A 188 11.42 -19.27 -12.99
CA GLU A 188 12.38 -18.72 -13.94
C GLU A 188 11.87 -17.44 -14.59
N SER A 189 10.65 -17.49 -15.09
CA SER A 189 10.07 -16.33 -15.75
C SER A 189 9.77 -15.22 -14.75
N ALA A 190 9.39 -15.60 -13.54
CA ALA A 190 9.12 -14.62 -12.49
C ALA A 190 10.39 -13.84 -12.16
N LYS A 191 11.51 -14.56 -12.07
CA LYS A 191 12.80 -13.94 -11.79
C LYS A 191 13.29 -13.12 -12.99
N MET A 192 13.03 -13.62 -14.19
CA MET A 192 13.40 -12.90 -15.41
C MET A 192 12.73 -11.53 -15.41
N ILE A 193 11.51 -11.46 -14.91
CA ILE A 193 10.80 -10.20 -14.81
C ILE A 193 11.54 -9.24 -13.88
N LEU A 194 11.88 -9.74 -12.70
CA LEU A 194 12.55 -8.92 -11.69
C LEU A 194 13.98 -8.58 -12.04
N LEU A 195 14.58 -9.37 -12.93
CA LEU A 195 16.01 -9.27 -13.17
C LEU A 195 16.43 -9.01 -14.62
N SER A 196 15.64 -8.24 -15.35
CA SER A 196 16.07 -7.74 -16.65
C SER A 196 16.86 -6.46 -16.47
N ASP A 197 16.96 -5.66 -17.54
CA ASP A 197 17.79 -4.46 -17.54
C ASP A 197 18.52 -4.26 -16.21
N PRO A 198 19.74 -4.79 -16.12
CA PRO A 198 20.55 -4.80 -14.89
C PRO A 198 20.82 -3.38 -14.38
N THR A 199 20.36 -2.38 -15.12
CA THR A 199 20.47 -1.00 -14.66
C THR A 199 19.73 -0.85 -13.34
N ILE A 200 18.61 -1.56 -13.22
CA ILE A 200 17.86 -1.60 -11.97
C ILE A 200 18.22 -2.86 -11.19
N THR A 201 19.03 -2.67 -10.15
CA THR A 201 19.52 -3.77 -9.35
C THR A 201 18.83 -3.84 -8.00
N ILE A 202 19.18 -4.86 -7.23
CA ILE A 202 18.66 -5.03 -5.88
C ILE A 202 19.76 -4.72 -4.87
N LYS A 203 19.44 -3.85 -3.91
CA LYS A 203 20.42 -3.43 -2.92
C LYS A 203 20.80 -4.57 -1.98
N SER A 204 21.90 -4.37 -1.25
CA SER A 204 22.40 -5.38 -0.33
C SER A 204 21.40 -5.70 0.76
N TYR A 205 20.89 -4.66 1.43
CA TYR A 205 19.96 -4.84 2.54
C TYR A 205 18.54 -5.10 2.07
N HIS A 206 18.37 -5.29 0.76
CA HIS A 206 17.05 -5.52 0.18
C HIS A 206 16.89 -6.94 -0.36
N LEU A 207 15.65 -7.39 -0.45
CA LEU A 207 15.33 -8.69 -1.02
C LEU A 207 14.86 -8.53 -2.46
N TRP A 208 14.41 -7.32 -2.80
CA TRP A 208 13.79 -7.07 -4.09
C TRP A 208 14.54 -5.97 -4.86
N PRO A 209 14.40 -5.97 -6.19
CA PRO A 209 15.01 -4.95 -7.05
C PRO A 209 14.50 -3.56 -6.71
N SER A 210 15.35 -2.55 -6.93
CA SER A 210 14.97 -1.17 -6.65
C SER A 210 14.19 -0.53 -7.81
N PHE A 211 12.92 -0.89 -7.91
CA PHE A 211 12.06 -0.31 -8.93
C PHE A 211 11.52 1.03 -8.46
N THR A 212 11.16 1.89 -9.41
CA THR A 212 10.47 3.12 -9.09
C THR A 212 8.99 2.83 -8.96
N ASP A 213 8.26 3.72 -8.30
CA ASP A 213 6.83 3.53 -8.10
C ASP A 213 6.14 3.25 -9.44
N GLU A 214 6.66 3.85 -10.50
CA GLU A 214 6.11 3.69 -11.84
C GLU A 214 6.50 2.33 -12.42
N GLN A 215 7.76 1.95 -12.23
CA GLN A 215 8.24 0.64 -12.69
C GLN A 215 7.51 -0.50 -11.99
N TRP A 216 7.31 -0.35 -10.68
CA TRP A 216 6.65 -1.37 -9.89
C TRP A 216 5.32 -1.82 -10.49
N ILE A 217 4.58 -0.86 -11.06
CA ILE A 217 3.27 -1.14 -11.62
C ILE A 217 3.36 -2.06 -12.83
N THR A 218 4.31 -1.78 -13.72
CA THR A 218 4.53 -2.62 -14.89
C THR A 218 4.94 -4.01 -14.46
N ILE A 219 5.82 -4.07 -13.45
CA ILE A 219 6.25 -5.35 -12.89
C ILE A 219 5.06 -6.17 -12.44
N GLU A 220 4.22 -5.56 -11.61
CA GLU A 220 3.03 -6.21 -11.10
C GLU A 220 2.13 -6.68 -12.23
N SER A 221 1.98 -5.83 -13.25
CA SER A 221 1.20 -6.18 -14.42
C SER A 221 1.77 -7.42 -15.07
N GLN A 222 3.08 -7.42 -15.28
CA GLN A 222 3.77 -8.55 -15.88
C GLN A 222 3.63 -9.81 -15.02
N MET A 223 3.43 -9.60 -13.72
CA MET A 223 3.23 -10.72 -12.80
C MET A 223 1.84 -11.31 -12.96
N ARG A 224 0.81 -10.46 -12.91
CA ARG A 224 -0.55 -10.91 -13.17
C ARG A 224 -0.61 -11.57 -14.53
N ASP A 225 0.07 -10.96 -15.49
CA ASP A 225 0.18 -11.52 -16.83
C ASP A 225 0.65 -12.97 -16.76
N LEU A 226 1.77 -13.17 -16.08
CA LEU A 226 2.40 -14.48 -15.98
C LEU A 226 1.55 -15.50 -15.21
N ILE A 227 0.82 -15.01 -14.21
CA ILE A 227 0.01 -15.88 -13.36
C ILE A 227 -1.28 -16.33 -14.03
N LEU A 228 -2.05 -15.38 -14.55
CA LEU A 228 -3.30 -15.70 -15.23
C LEU A 228 -3.04 -16.49 -16.49
N THR A 229 -1.91 -16.23 -17.14
CA THR A 229 -1.51 -16.97 -18.33
C THR A 229 -1.52 -18.47 -18.04
N GLU A 230 -0.89 -18.84 -16.94
CA GLU A 230 -0.70 -20.25 -16.62
C GLU A 230 -1.79 -20.79 -15.71
N TYR A 231 -2.86 -20.01 -15.57
CA TYR A 231 -4.09 -20.50 -14.97
C TYR A 231 -5.04 -20.79 -16.11
N GLY A 232 -4.76 -20.14 -17.24
CA GLY A 232 -5.48 -20.39 -18.48
C GLY A 232 -4.81 -21.50 -19.26
N ARG A 233 -4.12 -22.38 -18.53
CA ARG A 233 -3.53 -23.57 -19.13
C ARG A 233 -3.92 -24.79 -18.28
N LYS A 234 -3.99 -24.58 -16.97
CA LYS A 234 -4.37 -25.63 -16.05
C LYS A 234 -5.87 -25.88 -16.14
N TYR A 235 -6.61 -24.85 -16.53
CA TYR A 235 -8.04 -24.96 -16.75
C TYR A 235 -8.35 -24.43 -18.14
N ASN A 236 -7.30 -23.98 -18.83
CA ASN A 236 -7.39 -23.22 -20.08
C ASN A 236 -8.78 -22.68 -20.44
N VAL A 237 -9.38 -21.96 -19.50
CA VAL A 237 -10.58 -21.18 -19.76
C VAL A 237 -10.10 -19.79 -20.14
N ASN A 238 -10.89 -19.06 -20.91
CA ASN A 238 -10.47 -17.74 -21.35
C ASN A 238 -10.34 -16.75 -20.20
N ILE A 239 -9.12 -16.28 -19.97
CA ILE A 239 -8.82 -15.40 -18.85
C ILE A 239 -9.56 -14.06 -18.91
N SER A 240 -9.79 -13.57 -20.13
CA SER A 240 -10.43 -12.28 -20.33
C SER A 240 -11.93 -12.33 -20.01
N ALA A 241 -12.33 -13.32 -19.22
CA ALA A 241 -13.73 -13.47 -18.85
C ALA A 241 -13.89 -13.52 -17.33
N LEU A 242 -12.89 -13.03 -16.62
CA LEU A 242 -12.88 -13.06 -15.16
C LEU A 242 -13.34 -11.73 -14.56
N THR A 243 -14.16 -11.81 -13.52
CA THR A 243 -14.55 -10.64 -12.77
C THR A 243 -13.46 -10.32 -11.75
N GLN A 244 -13.33 -9.05 -11.39
CA GLN A 244 -12.25 -8.61 -10.50
C GLN A 244 -12.01 -9.52 -9.31
N THR A 245 -13.08 -9.90 -8.62
CA THR A 245 -12.95 -10.73 -7.42
C THR A 245 -12.31 -12.07 -7.75
N GLU A 246 -12.67 -12.64 -8.89
CA GLU A 246 -12.11 -13.91 -9.32
C GLU A 246 -10.61 -13.80 -9.52
N ILE A 247 -10.19 -12.70 -10.17
CA ILE A 247 -8.77 -12.44 -10.39
C ILE A 247 -8.05 -12.27 -9.06
N LYS A 248 -8.66 -11.51 -8.16
CA LYS A 248 -8.12 -11.32 -6.82
C LYS A 248 -8.01 -12.65 -6.07
N ASP A 249 -9.03 -13.47 -6.20
CA ASP A 249 -9.08 -14.76 -5.50
C ASP A 249 -8.07 -15.76 -6.04
N ILE A 250 -7.81 -15.68 -7.35
CA ILE A 250 -6.84 -16.57 -7.97
C ILE A 250 -5.44 -16.34 -7.40
N ILE A 251 -5.15 -15.08 -7.08
CA ILE A 251 -3.82 -14.69 -6.62
C ILE A 251 -3.60 -14.98 -5.14
N LEU A 252 -4.70 -15.23 -4.41
CA LEU A 252 -4.62 -15.49 -2.98
C LEU A 252 -4.80 -16.96 -2.64
N GLY A 253 -5.40 -17.71 -3.55
CA GLY A 253 -5.60 -19.13 -3.36
C GLY A 253 -6.94 -19.48 -2.75
N GLN A 254 -8.01 -19.01 -3.39
CA GLN A 254 -9.37 -19.28 -2.91
C GLN A 254 -9.97 -20.50 -3.59
N SER A 316 1.43 4.24 22.79
CA SER A 316 2.64 4.99 22.51
C SER A 316 2.33 6.42 22.07
N LYS A 317 2.13 7.30 23.05
CA LYS A 317 1.86 8.70 22.75
C LYS A 317 3.12 9.38 22.22
N ASN A 318 4.22 8.62 22.21
CA ASN A 318 5.49 9.13 21.75
C ASN A 318 5.64 8.97 20.24
N GLU A 319 5.18 7.83 19.73
CA GLU A 319 5.15 7.58 18.29
C GLU A 319 4.39 8.70 17.59
N TRP A 320 3.37 9.21 18.26
CA TRP A 320 2.57 10.33 17.76
C TRP A 320 3.45 11.56 17.56
N ARG A 321 4.10 11.98 18.63
CA ARG A 321 4.85 13.25 18.64
C ARG A 321 6.05 13.22 17.71
N LYS A 322 6.40 12.04 17.21
CA LYS A 322 7.56 11.90 16.32
C LYS A 322 7.22 12.31 14.90
N SER A 323 6.12 11.77 14.37
CA SER A 323 5.68 12.10 13.02
C SER A 323 5.17 13.53 12.94
N ALA A 324 4.77 14.06 14.09
CA ALA A 324 4.32 15.45 14.15
C ALA A 324 5.51 16.38 13.93
N ILE A 325 6.65 16.02 14.52
CA ILE A 325 7.87 16.78 14.33
C ILE A 325 8.33 16.68 12.88
N ALA A 326 8.17 15.49 12.30
CA ALA A 326 8.56 15.26 10.92
C ALA A 326 7.85 16.24 9.99
N ASN A 327 6.61 16.57 10.32
CA ASN A 327 5.80 17.45 9.48
C ASN A 327 6.20 18.92 9.59
N THR A 328 6.77 19.28 10.74
CA THR A 328 7.20 20.66 10.97
C THR A 328 8.31 21.06 10.02
N LEU A 329 8.83 20.09 9.28
CA LEU A 329 9.95 20.32 8.37
C LEU A 329 9.53 20.28 6.90
N LEU A 330 8.26 19.97 6.65
CA LEU A 330 7.75 19.86 5.29
C LEU A 330 7.88 21.16 4.52
N TYR A 331 7.85 22.28 5.23
CA TYR A 331 7.89 23.59 4.59
C TYR A 331 9.23 23.85 3.90
N LEU A 332 10.26 23.13 4.31
CA LEU A 332 11.59 23.29 3.74
C LEU A 332 11.67 22.79 2.30
N ARG A 333 10.79 21.85 1.95
CA ARG A 333 10.81 21.25 0.62
C ARG A 333 10.34 22.24 -0.45
N LEU A 334 9.85 23.39 -0.02
CA LEU A 334 9.32 24.39 -0.93
C LEU A 334 10.39 25.23 -1.62
N LYS A 335 11.63 25.10 -1.17
CA LYS A 335 12.73 25.86 -1.75
C LYS A 335 13.22 25.25 -3.06
N ASN A 336 12.59 24.16 -3.46
CA ASN A 336 12.83 23.54 -4.76
C ASN A 336 11.56 22.95 -5.32
N ILE A 337 10.87 23.70 -6.17
CA ILE A 337 9.58 23.29 -6.70
C ILE A 337 9.62 22.97 -8.18
N TYR A 338 9.13 21.79 -8.55
CA TYR A 338 9.02 21.38 -9.94
C TYR A 338 7.57 21.23 -10.33
N VAL A 339 7.20 21.82 -11.45
CA VAL A 339 5.84 21.70 -11.95
C VAL A 339 5.79 20.87 -13.24
N SER A 340 5.00 19.81 -13.22
CA SER A 340 4.89 18.91 -14.36
C SER A 340 4.51 19.64 -15.63
N ALA A 341 5.43 19.65 -16.60
CA ALA A 341 5.21 20.33 -17.87
C ALA A 341 5.22 19.36 -19.05
N ASP A 342 4.04 19.00 -19.52
CA ASP A 342 3.90 18.19 -20.72
C ASP A 342 3.75 19.13 -21.91
N ASP A 343 3.40 18.58 -23.07
CA ASP A 343 3.10 19.44 -24.22
C ASP A 343 1.62 19.86 -24.20
N PHE A 344 1.37 21.14 -24.37
CA PHE A 344 0.03 21.68 -24.22
C PHE A 344 -0.47 22.39 -25.49
N VAL A 345 -1.78 22.31 -25.72
CA VAL A 345 -2.41 22.98 -26.84
C VAL A 345 -3.16 24.21 -26.34
N GLU A 346 -3.36 25.20 -27.20
CA GLU A 346 -4.04 26.41 -26.80
C GLU A 346 -5.54 26.19 -26.60
N GLU A 347 -6.00 24.98 -26.89
CA GLU A 347 -7.39 24.62 -26.63
C GLU A 347 -7.60 24.21 -25.18
N GLN A 348 -6.51 24.06 -24.45
CA GLN A 348 -6.56 23.64 -23.06
C GLN A 348 -6.73 24.82 -22.11
N ASN A 349 -7.32 24.55 -20.95
CA ASN A 349 -7.37 25.54 -19.89
C ASN A 349 -5.99 25.71 -19.26
N VAL A 350 -5.79 26.81 -18.56
CA VAL A 350 -4.53 27.04 -17.85
C VAL A 350 -4.82 27.37 -16.40
N TYR A 351 -4.46 26.45 -15.50
CA TYR A 351 -4.76 26.62 -14.08
C TYR A 351 -3.58 27.23 -13.33
N VAL A 352 -3.80 28.43 -12.79
CA VAL A 352 -2.79 29.11 -12.00
C VAL A 352 -3.06 28.90 -10.52
N LEU A 353 -2.06 28.38 -9.82
CA LEU A 353 -2.19 28.08 -8.40
C LEU A 353 -1.38 29.03 -7.55
N PRO A 354 -2.06 29.79 -6.67
CA PRO A 354 -1.37 30.67 -5.72
C PRO A 354 -0.31 29.88 -4.95
N LYS A 355 0.85 30.49 -4.75
CA LYS A 355 1.94 29.80 -4.06
C LYS A 355 1.69 29.71 -2.57
N ASN A 356 0.98 30.68 -2.01
CA ASN A 356 0.65 30.66 -0.60
C ASN A 356 -0.25 29.48 -0.26
N LEU A 357 -1.15 29.14 -1.18
CA LEU A 357 -2.04 27.99 -1.00
C LEU A 357 -1.29 26.67 -1.07
N LEU A 358 -0.18 26.67 -1.80
CA LEU A 358 0.68 25.50 -1.86
C LEU A 358 1.50 25.40 -0.59
N LYS A 359 2.15 26.52 -0.23
CA LYS A 359 2.95 26.59 0.97
C LYS A 359 2.19 26.09 2.19
N LYS A 360 0.97 26.59 2.37
CA LYS A 360 0.16 26.22 3.52
C LYS A 360 -0.32 24.77 3.46
N PHE A 361 -0.82 24.37 2.29
CA PHE A 361 -1.32 23.01 2.11
C PHE A 361 -0.25 21.99 2.48
N ILE A 362 0.98 22.25 2.06
CA ILE A 362 2.11 21.40 2.41
C ILE A 362 2.28 21.36 3.92
N GLU A 363 2.31 22.53 4.54
CA GLU A 363 2.55 22.64 5.97
C GLU A 363 1.54 21.88 6.81
N ILE A 364 0.30 21.81 6.34
CA ILE A 364 -0.74 21.10 7.08
C ILE A 364 -0.82 19.62 6.70
N SER A 365 -0.18 19.27 5.58
CA SER A 365 -0.19 17.88 5.12
C SER A 365 0.71 17.00 5.98
N ASP A 366 0.78 15.73 5.63
CA ASP A 366 1.61 14.79 6.37
C ASP A 366 2.69 14.19 5.48
N VAL A 367 3.76 13.71 6.10
CA VAL A 367 4.91 13.17 5.37
C VAL A 367 4.60 11.87 4.64
N LYS A 368 3.56 11.18 5.08
CA LYS A 368 3.19 9.90 4.48
C LYS A 368 1.72 9.86 4.09
N ILE A 369 0.85 10.03 5.09
CA ILE A 369 -0.59 9.96 4.88
C ILE A 369 -1.07 11.07 3.96
N GLN A 370 -1.93 10.70 3.01
CA GLN A 370 -2.42 11.65 2.01
C GLN A 370 -3.37 12.68 2.60
N VAL A 371 -3.17 13.94 2.21
CA VAL A 371 -4.07 15.02 2.58
C VAL A 371 -4.65 15.62 1.32
N ALA A 372 -5.98 15.71 1.26
CA ALA A 372 -6.66 16.20 0.07
C ALA A 372 -7.60 17.36 0.39
N ALA A 373 -7.93 18.13 -0.64
CA ALA A 373 -8.83 19.27 -0.49
C ALA A 373 -9.44 19.64 -1.84
N PHE A 374 -10.50 20.45 -1.81
CA PHE A 374 -11.14 20.90 -3.03
C PHE A 374 -10.57 22.25 -3.45
N ILE A 375 -10.60 22.52 -4.75
CA ILE A 375 -10.14 23.79 -5.28
C ILE A 375 -11.25 24.53 -6.01
N TYR A 376 -11.39 25.82 -5.71
CA TYR A 376 -12.36 26.66 -6.38
C TYR A 376 -11.67 27.85 -7.03
N GLY A 377 -12.32 28.45 -8.02
CA GLY A 377 -11.76 29.59 -8.71
C GLY A 377 -12.66 30.16 -9.78
N MET A 378 -12.08 30.95 -10.68
CA MET A 378 -12.83 31.57 -11.76
C MET A 378 -11.88 32.11 -12.84
N SER A 379 -12.42 32.93 -13.74
CA SER A 379 -11.62 33.48 -14.82
C SER A 379 -11.62 35.01 -14.82
N ALA A 380 -11.38 35.59 -16.00
CA ALA A 380 -11.37 37.03 -16.16
C ALA A 380 -11.78 37.39 -17.59
N LYS A 381 -11.90 38.69 -17.86
CA LYS A 381 -12.28 39.11 -19.21
C LYS A 381 -11.32 38.54 -20.24
N ASP A 382 -11.79 38.48 -21.48
CA ASP A 382 -11.14 37.71 -22.54
C ASP A 382 -10.13 36.67 -22.08
N HIS A 383 -10.61 35.75 -21.25
CA HIS A 383 -10.03 34.41 -21.17
C HIS A 383 -10.52 33.55 -20.02
N PRO A 384 -11.57 32.77 -20.32
CA PRO A 384 -12.19 31.71 -19.53
C PRO A 384 -11.25 30.50 -19.48
N LYS A 385 -10.25 30.50 -20.36
CA LYS A 385 -9.30 29.41 -20.43
C LYS A 385 -8.21 29.56 -19.38
N VAL A 386 -8.14 30.75 -18.78
CA VAL A 386 -7.21 30.98 -17.68
C VAL A 386 -7.96 30.83 -16.35
N LYS A 387 -7.85 29.64 -15.76
CA LYS A 387 -8.54 29.34 -14.52
C LYS A 387 -7.72 29.74 -13.30
N GLU A 388 -8.16 30.80 -12.63
CA GLU A 388 -7.52 31.27 -11.40
C GLU A 388 -8.05 30.52 -10.19
N ILE A 389 -7.15 29.87 -9.45
CA ILE A 389 -7.52 29.23 -8.21
C ILE A 389 -7.64 30.27 -7.11
N LYS A 390 -8.86 30.43 -6.59
CA LYS A 390 -9.14 31.48 -5.62
C LYS A 390 -9.24 30.94 -4.20
N THR A 391 -9.66 29.69 -4.05
CA THR A 391 -9.89 29.13 -2.73
C THR A 391 -9.64 27.63 -2.67
N VAL A 392 -9.00 27.19 -1.58
CA VAL A 392 -8.85 25.77 -1.30
C VAL A 392 -9.73 25.40 -0.11
N VAL A 393 -10.62 24.43 -0.33
CA VAL A 393 -11.53 24.00 0.71
C VAL A 393 -11.07 22.71 1.39
N LEU A 394 -10.59 22.83 2.62
CA LEU A 394 -10.20 21.67 3.40
C LEU A 394 -11.46 21.03 4.00
N VAL A 395 -11.66 19.75 3.74
CA VAL A 395 -12.88 19.07 4.16
C VAL A 395 -12.60 17.90 5.09
N PRO A 396 -13.59 17.51 5.90
CA PRO A 396 -13.49 16.32 6.75
C PRO A 396 -13.05 15.13 5.92
N GLN A 397 -12.00 14.46 6.35
CA GLN A 397 -11.42 13.38 5.55
C GLN A 397 -10.73 12.33 6.42
N LEU A 398 -10.69 11.11 5.92
CA LEU A 398 -9.98 10.03 6.60
C LEU A 398 -8.86 9.54 5.69
N GLY A 399 -7.69 10.15 5.85
CA GLY A 399 -6.56 9.86 4.98
C GLY A 399 -5.87 8.53 5.28
N HIS A 400 -5.23 7.98 4.27
CA HIS A 400 -4.44 6.76 4.41
C HIS A 400 -3.11 6.96 3.70
N VAL A 401 -2.40 5.86 3.46
CA VAL A 401 -1.19 5.90 2.66
C VAL A 401 -1.46 5.37 1.26
N GLY A 402 -1.44 6.28 0.28
CA GLY A 402 -1.73 5.91 -1.10
C GLY A 402 -3.16 6.21 -1.48
N SER A 403 -3.98 6.58 -0.49
CA SER A 403 -5.37 6.91 -0.74
C SER A 403 -5.91 7.84 0.34
N VAL A 404 -7.06 8.44 0.07
CA VAL A 404 -7.72 9.31 1.03
C VAL A 404 -9.24 9.22 0.92
N GLN A 405 -9.89 8.98 2.04
CA GLN A 405 -11.34 9.02 2.09
C GLN A 405 -11.79 10.47 2.24
N ILE A 406 -12.46 10.99 1.23
CA ILE A 406 -12.89 12.38 1.22
C ILE A 406 -14.39 12.48 1.35
N SER A 407 -14.86 13.52 2.04
CA SER A 407 -16.28 13.78 2.16
C SER A 407 -16.81 14.46 0.90
N ASN A 408 -18.12 14.70 0.85
CA ASN A 408 -18.75 15.25 -0.34
C ASN A 408 -18.36 16.68 -0.63
N ILE A 409 -18.71 17.15 -1.83
CA ILE A 409 -18.47 18.53 -2.23
C ILE A 409 -19.15 19.49 -1.27
N PRO A 410 -18.37 20.45 -0.73
CA PRO A 410 -18.81 21.33 0.36
C PRO A 410 -19.93 22.28 -0.01
N ASP A 411 -20.75 22.63 0.98
CA ASP A 411 -21.85 23.57 0.82
C ASP A 411 -21.40 24.96 1.27
N ILE A 412 -20.77 25.69 0.36
CA ILE A 412 -20.22 27.00 0.69
C ILE A 412 -21.08 28.14 0.17
N GLY A 413 -22.29 27.83 -0.28
CA GLY A 413 -23.20 28.83 -0.78
C GLY A 413 -23.56 29.88 0.25
N ASP A 414 -23.60 29.47 1.51
CA ASP A 414 -23.98 30.37 2.61
C ASP A 414 -22.87 31.38 2.94
N LEU A 415 -21.65 31.05 2.56
CA LEU A 415 -20.50 31.92 2.84
C LEU A 415 -20.48 33.12 1.90
N PRO A 416 -19.79 34.20 2.31
CA PRO A 416 -19.66 35.40 1.49
C PRO A 416 -18.58 35.24 0.43
N ASP A 417 -18.70 35.98 -0.66
CA ASP A 417 -17.68 36.00 -1.72
C ASP A 417 -17.48 34.64 -2.39
N THR A 418 -18.38 33.70 -2.09
CA THR A 418 -18.37 32.41 -2.78
C THR A 418 -19.14 32.55 -4.08
N GLU A 419 -19.97 33.58 -4.13
CA GLU A 419 -20.74 33.91 -5.33
C GLU A 419 -19.83 34.08 -6.54
N GLY A 420 -19.96 33.20 -7.52
CA GLY A 420 -19.20 33.30 -8.75
C GLY A 420 -18.06 32.31 -8.85
N LEU A 421 -17.78 31.62 -7.74
CA LEU A 421 -16.72 30.61 -7.71
C LEU A 421 -17.17 29.30 -8.36
N GLU A 422 -16.32 28.75 -9.23
CA GLU A 422 -16.59 27.46 -9.84
C GLU A 422 -15.63 26.39 -9.33
N LEU A 423 -16.18 25.21 -9.06
CA LEU A 423 -15.39 24.07 -8.59
C LEU A 423 -14.42 23.61 -9.66
N LEU A 424 -13.13 23.81 -9.41
CA LEU A 424 -12.09 23.44 -10.37
C LEU A 424 -11.66 21.97 -10.29
N GLY A 425 -11.90 21.35 -9.14
CA GLY A 425 -11.53 19.96 -8.94
C GLY A 425 -11.02 19.70 -7.53
N TRP A 426 -9.90 18.99 -7.42
CA TRP A 426 -9.32 18.69 -6.12
C TRP A 426 -7.80 18.64 -6.15
N ILE A 427 -7.19 18.99 -5.02
CA ILE A 427 -5.75 18.94 -4.86
C ILE A 427 -5.39 18.05 -3.68
N HIS A 428 -4.33 17.27 -3.83
CA HIS A 428 -3.96 16.32 -2.78
C HIS A 428 -2.46 16.01 -2.81
N THR A 429 -1.97 15.41 -1.74
CA THR A 429 -0.58 14.99 -1.66
C THR A 429 -0.49 13.48 -1.88
N GLN A 430 0.73 12.98 -2.02
CA GLN A 430 0.95 11.56 -2.21
C GLN A 430 2.41 11.18 -2.00
N THR A 431 2.65 9.89 -1.83
CA THR A 431 3.98 9.40 -1.56
C THR A 431 4.64 8.82 -2.81
N GLU A 432 3.81 8.36 -3.74
CA GLU A 432 4.32 7.82 -5.00
C GLU A 432 4.68 8.91 -6.01
N GLU A 433 5.44 8.53 -7.02
CA GLU A 433 5.98 9.48 -7.99
C GLU A 433 5.65 9.02 -9.41
N LEU A 434 4.50 9.45 -9.91
CA LEU A 434 4.02 8.98 -11.22
C LEU A 434 3.74 10.13 -12.18
N LYS A 435 3.74 9.82 -13.47
CA LYS A 435 3.39 10.80 -14.49
C LYS A 435 1.91 10.71 -14.87
N PHE A 436 1.15 9.95 -14.08
CA PHE A 436 -0.26 9.72 -14.36
C PHE A 436 -1.06 9.55 -13.07
N MET A 437 -2.38 9.62 -13.19
CA MET A 437 -3.25 9.43 -12.04
C MET A 437 -3.19 7.99 -11.56
N ALA A 438 -2.85 7.81 -10.28
CA ALA A 438 -2.81 6.49 -9.68
C ALA A 438 -4.21 5.90 -9.62
N ALA A 439 -4.29 4.57 -9.60
CA ALA A 439 -5.57 3.87 -9.55
C ALA A 439 -6.48 4.44 -8.46
N SER A 440 -5.89 4.72 -7.30
CA SER A 440 -6.64 5.28 -6.19
C SER A 440 -7.20 6.65 -6.55
N GLU A 441 -6.34 7.50 -7.13
CA GLU A 441 -6.75 8.82 -7.57
C GLU A 441 -7.94 8.71 -8.52
N VAL A 442 -7.80 7.89 -9.54
CA VAL A 442 -8.87 7.69 -10.51
C VAL A 442 -10.17 7.29 -9.84
N ALA A 443 -10.07 6.36 -8.89
CA ALA A 443 -11.25 5.90 -8.15
C ALA A 443 -11.89 7.05 -7.39
N THR A 444 -11.07 7.79 -6.65
CA THR A 444 -11.55 8.92 -5.86
C THR A 444 -12.12 10.01 -6.77
N HIS A 445 -11.49 10.21 -7.91
CA HIS A 445 -11.90 11.25 -8.85
C HIS A 445 -13.25 10.91 -9.49
N SER A 446 -13.48 9.63 -9.76
CA SER A 446 -14.72 9.20 -10.38
C SER A 446 -15.90 9.30 -9.41
N LYS A 447 -15.68 8.89 -8.16
CA LYS A 447 -16.73 8.97 -7.16
C LYS A 447 -17.14 10.42 -6.97
N LEU A 448 -16.19 11.33 -7.21
CA LEU A 448 -16.39 12.74 -6.94
C LEU A 448 -17.07 13.50 -8.08
N PHE A 449 -16.64 13.27 -9.30
CA PHE A 449 -17.03 14.13 -10.42
C PHE A 449 -17.66 13.42 -11.61
N ALA A 450 -17.92 12.12 -11.48
CA ALA A 450 -18.55 11.36 -12.55
C ALA A 450 -19.87 12.00 -12.96
N ASP A 451 -20.70 12.31 -11.96
CA ASP A 451 -22.01 12.89 -12.22
C ASP A 451 -21.97 14.41 -12.16
N LYS A 452 -21.29 14.95 -11.15
CA LYS A 452 -21.20 16.39 -10.94
C LYS A 452 -20.62 17.14 -12.13
N LYS A 453 -19.29 17.20 -12.18
CA LYS A 453 -18.58 18.01 -13.16
C LYS A 453 -17.30 17.30 -13.60
N ARG A 454 -17.27 16.87 -14.85
CA ARG A 454 -16.18 16.03 -15.35
C ARG A 454 -14.94 16.82 -15.78
N ASP A 455 -15.11 18.10 -16.07
CA ASP A 455 -13.96 18.93 -16.45
C ASP A 455 -13.13 19.33 -15.24
N CYS A 456 -13.39 18.70 -14.10
CA CYS A 456 -12.59 18.93 -12.91
C CYS A 456 -11.21 18.33 -13.07
N ILE A 457 -10.20 18.95 -12.46
CA ILE A 457 -8.83 18.49 -12.58
C ILE A 457 -8.32 17.88 -11.29
N ASP A 458 -7.23 17.12 -11.40
CA ASP A 458 -6.57 16.53 -10.25
C ASP A 458 -5.18 17.12 -10.09
N ILE A 459 -5.02 17.99 -9.10
CA ILE A 459 -3.70 18.53 -8.79
C ILE A 459 -3.00 17.62 -7.78
N SER A 460 -2.06 16.84 -8.28
CA SER A 460 -1.34 15.87 -7.47
C SER A 460 -0.01 16.39 -6.98
N ILE A 461 0.13 16.53 -5.67
CA ILE A 461 1.37 17.01 -5.06
C ILE A 461 2.21 15.87 -4.53
N PHE A 462 3.38 15.66 -5.12
CA PHE A 462 4.34 14.69 -4.62
C PHE A 462 5.45 15.40 -3.88
N SER A 463 5.67 14.99 -2.63
CA SER A 463 6.68 15.64 -1.80
C SER A 463 7.74 14.66 -1.31
N THR A 464 8.98 15.13 -1.30
CA THR A 464 10.11 14.34 -0.82
C THR A 464 11.18 15.31 -0.33
N PRO A 465 12.03 14.87 0.61
CA PRO A 465 13.02 15.79 1.17
C PRO A 465 13.81 16.52 0.09
N GLY A 466 13.72 17.85 0.10
CA GLY A 466 14.48 18.67 -0.83
C GLY A 466 13.65 19.34 -1.90
N SER A 467 12.50 18.76 -2.23
CA SER A 467 11.68 19.30 -3.30
C SER A 467 10.23 18.84 -3.26
N VAL A 468 9.36 19.62 -3.90
CA VAL A 468 7.98 19.23 -4.11
C VAL A 468 7.75 19.12 -5.61
N SER A 469 6.68 18.44 -6.02
CA SER A 469 6.41 18.22 -7.43
C SER A 469 4.91 18.22 -7.72
N LEU A 470 4.44 19.25 -8.40
CA LEU A 470 3.03 19.38 -8.72
C LEU A 470 2.72 18.80 -10.10
N SER A 471 1.48 18.35 -10.26
CA SER A 471 1.01 17.81 -11.54
C SER A 471 -0.50 17.93 -11.64
N ALA A 472 -0.98 18.34 -12.81
CA ALA A 472 -2.42 18.46 -13.03
C ALA A 472 -2.88 17.41 -14.04
N TYR A 473 -4.03 16.79 -13.77
CA TYR A 473 -4.55 15.75 -14.66
C TYR A 473 -6.03 15.89 -14.92
N ASN A 474 -6.44 15.60 -16.14
CA ASN A 474 -7.84 15.41 -16.46
C ASN A 474 -8.12 13.92 -16.49
N LEU A 475 -9.39 13.53 -16.45
CA LEU A 475 -9.74 12.11 -16.46
C LEU A 475 -10.59 11.79 -17.66
N THR A 476 -10.06 10.97 -18.56
CA THR A 476 -10.79 10.57 -19.76
C THR A 476 -12.06 9.81 -19.40
N ASP A 477 -12.97 9.70 -20.35
CA ASP A 477 -14.23 9.00 -20.13
C ASP A 477 -13.97 7.53 -19.81
N GLU A 478 -12.84 7.01 -20.28
CA GLU A 478 -12.41 5.67 -19.90
C GLU A 478 -12.16 5.62 -18.40
N GLY A 479 -11.42 6.60 -17.90
CA GLY A 479 -11.09 6.68 -16.49
C GLY A 479 -12.31 6.79 -15.60
N TYR A 480 -13.19 7.75 -15.91
CA TYR A 480 -14.44 7.93 -15.18
C TYR A 480 -15.24 6.64 -15.15
N GLN A 481 -15.30 5.97 -16.30
CA GLN A 481 -16.09 4.74 -16.43
C GLN A 481 -15.46 3.61 -15.63
N TRP A 482 -14.13 3.52 -15.69
CA TRP A 482 -13.41 2.48 -14.97
C TRP A 482 -13.40 2.76 -13.46
N GLY A 483 -13.48 4.04 -13.10
CA GLY A 483 -13.49 4.44 -11.71
C GLY A 483 -14.80 4.05 -11.04
N GLU A 484 -15.86 3.93 -11.82
CA GLU A 484 -17.16 3.53 -11.31
C GLU A 484 -17.19 2.05 -10.97
N GLU A 485 -16.78 1.22 -11.92
CA GLU A 485 -16.77 -0.22 -11.71
C GLU A 485 -15.68 -0.65 -10.72
N ASN A 486 -15.08 0.34 -10.07
CA ASN A 486 -14.10 0.10 -9.02
C ASN A 486 -14.21 1.13 -7.90
N LYS A 487 -15.43 1.39 -7.44
CA LYS A 487 -15.68 2.33 -6.36
C LYS A 487 -14.58 2.27 -5.31
N ASP A 488 -14.25 1.04 -4.88
CA ASP A 488 -13.17 0.83 -3.93
C ASP A 488 -12.53 -0.53 -4.15
N ILE A 489 -11.35 -0.52 -4.76
CA ILE A 489 -10.60 -1.74 -5.03
C ILE A 489 -9.31 -1.82 -4.21
N MET A 490 -8.61 -0.69 -4.11
CA MET A 490 -7.26 -0.67 -3.58
C MET A 490 -6.31 -1.47 -4.47
N ASN A 491 -5.04 -1.07 -4.46
CA ASN A 491 -4.09 -1.43 -5.51
C ASN A 491 -3.69 -2.90 -5.74
N VAL A 492 -2.55 -3.04 -6.39
CA VAL A 492 -1.98 -4.32 -6.83
C VAL A 492 -3.03 -5.34 -7.27
N LEU A 493 -4.01 -4.87 -8.03
CA LEU A 493 -4.99 -5.74 -8.65
C LEU A 493 -5.68 -4.93 -9.74
N SER A 494 -4.95 -3.94 -10.25
CA SER A 494 -5.47 -2.95 -11.19
C SER A 494 -5.69 -3.54 -12.59
N GLU A 495 -6.38 -4.68 -12.65
CA GLU A 495 -6.70 -5.29 -13.94
C GLU A 495 -7.76 -4.46 -14.65
N GLY A 496 -7.33 -3.62 -15.57
CA GLY A 496 -8.22 -2.72 -16.28
C GLY A 496 -7.73 -1.30 -16.18
N PHE A 497 -6.76 -1.09 -15.29
CA PHE A 497 -6.17 0.22 -15.08
C PHE A 497 -5.23 0.59 -16.22
N GLU A 498 -5.24 1.88 -16.58
CA GLU A 498 -4.38 2.38 -17.64
C GLU A 498 -3.77 3.71 -17.23
N PRO A 499 -2.47 3.90 -17.50
CA PRO A 499 -1.82 5.18 -17.23
C PRO A 499 -2.42 6.28 -18.10
N THR A 500 -2.96 5.87 -19.25
CA THR A 500 -3.55 6.80 -20.20
C THR A 500 -5.02 7.06 -19.88
N PHE A 501 -5.43 6.67 -18.68
CA PHE A 501 -6.78 6.98 -18.19
C PHE A 501 -6.88 8.48 -17.96
N SER A 502 -5.75 9.10 -17.68
CA SER A 502 -5.69 10.54 -17.42
C SER A 502 -4.65 11.21 -18.29
N THR A 503 -4.90 12.48 -18.63
CA THR A 503 -3.96 13.27 -19.41
C THR A 503 -3.59 14.55 -18.65
N HIS A 504 -2.49 15.16 -19.05
CA HIS A 504 -1.98 16.34 -18.35
C HIS A 504 -2.86 17.56 -18.55
N ALA A 505 -3.02 18.34 -17.48
CA ALA A 505 -3.69 19.63 -17.54
C ALA A 505 -2.65 20.71 -17.24
N GLN A 506 -2.69 21.81 -17.98
CA GLN A 506 -1.68 22.85 -17.84
C GLN A 506 -1.80 23.59 -16.51
N LEU A 507 -0.83 23.37 -15.62
CA LEU A 507 -0.82 24.02 -14.31
C LEU A 507 0.37 24.96 -14.16
N LEU A 508 0.13 26.11 -13.54
CA LEU A 508 1.19 27.06 -13.24
C LEU A 508 1.11 27.54 -11.81
N LEU A 509 2.25 27.63 -11.14
CA LEU A 509 2.33 28.21 -9.80
C LEU A 509 2.53 29.71 -9.93
N SER A 510 2.11 30.47 -8.93
CA SER A 510 2.22 31.93 -9.03
C SER A 510 2.22 32.63 -7.67
N ASP A 511 3.32 33.29 -7.36
CA ASP A 511 3.36 34.18 -6.20
C ASP A 511 2.94 35.58 -6.63
N ARG A 512 2.22 35.64 -7.76
CA ARG A 512 1.71 36.90 -8.27
C ARG A 512 0.26 37.08 -7.84
N ILE A 513 -0.36 35.97 -7.46
CA ILE A 513 -1.70 36.00 -6.89
C ILE A 513 -1.71 35.29 -5.54
N THR A 514 -2.75 35.54 -4.75
CA THR A 514 -2.83 34.96 -3.41
C THR A 514 -4.26 34.56 -3.06
N GLY A 515 -4.44 33.31 -2.65
CA GLY A 515 -5.75 32.80 -2.31
C GLY A 515 -5.95 32.60 -0.81
N ASN A 516 -7.09 32.02 -0.44
CA ASN A 516 -7.41 31.78 0.96
C ASN A 516 -7.95 30.38 1.21
N PHE A 517 -8.29 30.09 2.46
CA PHE A 517 -8.76 28.76 2.85
C PHE A 517 -10.20 28.77 3.38
N ILE A 518 -10.91 27.69 3.11
CA ILE A 518 -12.19 27.41 3.76
C ILE A 518 -12.04 26.13 4.57
N ILE A 519 -12.40 26.21 5.84
CA ILE A 519 -12.24 25.08 6.74
C ILE A 519 -13.58 24.66 7.34
N PRO A 520 -13.68 23.41 7.79
CA PRO A 520 -14.90 22.96 8.47
C PRO A 520 -15.16 23.86 9.68
N SER A 521 -16.40 24.27 9.88
CA SER A 521 -16.74 25.16 10.98
C SER A 521 -16.42 24.54 12.34
N GLY A 522 -16.11 23.24 12.33
CA GLY A 522 -15.72 22.54 13.53
C GLY A 522 -14.21 22.57 13.71
N ASN A 523 -13.52 23.14 12.73
CA ASN A 523 -12.07 23.29 12.77
C ASN A 523 -11.30 22.01 12.43
N VAL A 524 -11.79 20.88 12.92
CA VAL A 524 -11.15 19.60 12.65
C VAL A 524 -11.46 19.10 11.24
N TRP A 525 -10.47 18.47 10.61
CA TRP A 525 -10.63 17.94 9.26
C TRP A 525 -9.92 16.62 9.09
N ASN A 526 -8.95 16.34 9.95
CA ASN A 526 -8.21 15.09 9.91
C ASN A 526 -8.80 14.05 10.85
N TYR A 527 -9.57 13.12 10.29
CA TYR A 527 -10.23 12.10 11.08
C TYR A 527 -9.53 10.75 10.97
N THR A 528 -8.28 10.77 10.52
CA THR A 528 -7.50 9.53 10.35
C THR A 528 -7.41 8.78 11.67
N PHE A 529 -7.30 9.52 12.76
CA PHE A 529 -7.19 8.93 14.08
C PHE A 529 -8.52 9.06 14.84
N MET A 530 -9.55 9.50 14.14
CA MET A 530 -10.88 9.65 14.71
C MET A 530 -11.90 8.98 13.80
N GLY A 531 -11.48 7.92 13.13
CA GLY A 531 -12.31 7.24 12.15
C GLY A 531 -13.76 7.03 12.57
N THR A 532 -13.96 6.69 13.84
CA THR A 532 -15.30 6.38 14.34
C THR A 532 -16.23 7.59 14.26
N ALA A 533 -15.66 8.78 14.41
CA ALA A 533 -16.44 10.01 14.42
C ALA A 533 -16.39 10.75 13.08
N PHE A 534 -16.23 9.99 12.00
CA PHE A 534 -16.12 10.56 10.67
C PHE A 534 -17.26 10.11 9.75
N ASN A 535 -18.16 11.02 9.41
CA ASN A 535 -19.26 10.73 8.51
C ASN A 535 -18.96 11.23 7.10
N GLN A 536 -18.70 10.31 6.19
CA GLN A 536 -18.35 10.67 4.81
C GLN A 536 -19.54 11.30 4.08
N GLU A 537 -20.74 10.80 4.34
CA GLU A 537 -21.95 11.37 3.77
C GLU A 537 -22.41 12.57 4.59
N GLY A 538 -21.59 12.95 5.56
CA GLY A 538 -21.92 14.04 6.46
C GLY A 538 -22.29 15.32 5.76
N ASP A 539 -23.16 16.10 6.40
CA ASP A 539 -23.59 17.39 5.87
C ASP A 539 -22.91 18.50 6.66
N TYR A 540 -21.63 18.70 6.38
CA TYR A 540 -20.80 19.62 7.17
C TYR A 540 -20.99 21.09 6.81
N ASN A 541 -20.84 21.97 7.80
CA ASN A 541 -20.85 23.40 7.58
C ASN A 541 -19.42 23.92 7.58
N PHE A 542 -19.20 25.07 6.94
CA PHE A 542 -17.84 25.57 6.76
C PHE A 542 -17.67 27.04 7.14
N LYS A 543 -16.49 27.56 6.85
CA LYS A 543 -16.13 28.93 7.20
C LYS A 543 -14.71 29.20 6.72
N TYR A 544 -14.36 30.48 6.60
CA TYR A 544 -12.98 30.84 6.28
C TYR A 544 -12.13 30.70 7.53
N GLY A 545 -10.83 30.51 7.33
CA GLY A 545 -9.91 30.35 8.44
C GLY A 545 -8.68 29.55 8.09
N ILE A 546 -7.64 29.73 8.88
CA ILE A 546 -6.38 29.02 8.67
C ILE A 546 -6.53 27.57 9.09
N PRO A 547 -6.26 26.64 8.16
CA PRO A 547 -6.31 25.21 8.46
C PRO A 547 -5.22 24.81 9.46
N LEU A 548 -5.47 23.75 10.21
CA LEU A 548 -4.54 23.31 11.25
C LEU A 548 -3.67 22.16 10.75
N GLU A 549 -2.61 21.87 11.50
CA GLU A 549 -1.66 20.84 11.09
C GLU A 549 -2.26 19.45 11.20
N PHE A 550 -1.63 18.49 10.50
CA PHE A 550 -2.12 17.12 10.47
C PHE A 550 -2.20 16.53 11.88
N TYR A 551 -1.14 16.71 12.67
CA TYR A 551 -1.09 16.19 14.02
C TYR A 551 -1.42 17.25 15.07
N ASN A 552 -2.32 18.16 14.73
CA ASN A 552 -2.80 19.14 15.69
C ASN A 552 -3.46 18.42 16.85
N GLU A 553 -3.21 18.89 18.07
CA GLU A 553 -3.73 18.23 19.27
C GLU A 553 -5.24 18.21 19.32
N MET A 554 -5.88 18.72 18.27
CA MET A 554 -7.32 18.69 18.16
C MET A 554 -7.73 17.56 17.22
N HIS A 555 -6.73 16.87 16.68
CA HIS A 555 -6.95 15.77 15.76
C HIS A 555 -6.68 14.41 16.39
N ARG A 556 -6.20 14.43 17.63
CA ARG A 556 -5.86 13.19 18.33
C ARG A 556 -6.99 12.65 19.20
N PRO A 557 -7.10 11.31 19.29
CA PRO A 557 -8.08 10.64 20.14
C PRO A 557 -7.75 10.80 21.62
N VAL A 558 -8.72 11.26 22.40
CA VAL A 558 -8.51 11.47 23.82
C VAL A 558 -8.44 10.15 24.58
#